data_6R0S
#
_entry.id   6R0S
#
_cell.length_a   56.455
_cell.length_b   58.824
_cell.length_c   88.234
_cell.angle_alpha   90.00
_cell.angle_beta   90.00
_cell.angle_gamma   90.00
#
_symmetry.space_group_name_H-M   'P 21 21 21'
#
loop_
_entity.id
_entity.type
_entity.pdbx_description
1 polymer 'Cereblon isoform 4'
2 polymer 'CEREBLON ISOFORM 4'
3 non-polymer 'ZINC ION'
4 non-polymer S-Thalidomide
5 non-polymer 'PHOSPHATE ION'
6 non-polymer '2-[[(3~{S})-2,5-bis(oxidanylidene)pyrrolidin-3-yl]carbamoyl]-6-nitro-benzoic acid'
7 non-polymer 'CHLORIDE ION'
8 non-polymer 2-[(3~{S})-2,5-bis(oxidanylidene)pyrrolidin-3-yl]-4-nitro-isoindole-1,3-dione
9 water water
#
loop_
_entity_poly.entity_id
_entity_poly.type
_entity_poly.pdbx_seq_one_letter_code
_entity_poly.pdbx_strand_id
1 'polypeptide(L)'
;AMPLDAGGQNSTQMVLAPGASIFRCRQCGQTISRRDWLLPMGGDHEHVVFNPAGMIFRVWCFSLAQGLRLIGAPSGEFSW
FKGYDWTIALCGQCGSHLGWHYEGGSQPQTFFGLIKDRLAEGPAD
;
A,B,C
2 'polypeptide(L)' (UNK)(UNK)(UNK) F
#
# COMPACT_ATOMS: atom_id res chain seq x y z
N ALA A 17 -16.60 -5.60 -18.70
CA ALA A 17 -15.16 -5.27 -19.05
C ALA A 17 -14.35 -4.73 -17.87
N PRO A 18 -14.10 -5.57 -16.85
CA PRO A 18 -13.33 -5.07 -15.71
C PRO A 18 -11.88 -4.77 -16.09
N GLY A 19 -11.31 -3.70 -15.55
CA GLY A 19 -9.91 -3.34 -15.78
C GLY A 19 -8.98 -3.67 -14.62
N ALA A 20 -9.55 -4.16 -13.52
CA ALA A 20 -8.75 -4.48 -12.33
C ALA A 20 -9.01 -5.94 -11.99
N SER A 21 -8.55 -6.81 -12.87
CA SER A 21 -8.90 -8.22 -12.79
C SER A 21 -7.73 -9.14 -12.58
N ILE A 22 -6.68 -8.96 -13.37
CA ILE A 22 -5.56 -9.88 -13.45
C ILE A 22 -4.30 -9.11 -13.04
N PHE A 23 -3.40 -9.80 -12.34
CA PHE A 23 -2.08 -9.29 -12.05
C PHE A 23 -1.05 -9.98 -12.93
N ARG A 24 -0.26 -9.19 -13.62
CA ARG A 24 0.85 -9.64 -14.44
C ARG A 24 2.18 -9.16 -13.90
N CYS A 25 3.27 -9.83 -14.28
CA CYS A 25 4.58 -9.34 -13.96
C CYS A 25 4.79 -7.96 -14.61
N ARG A 26 5.19 -6.99 -13.81
CA ARG A 26 5.43 -5.64 -14.31
C ARG A 26 6.50 -5.54 -15.37
N GLN A 27 7.49 -6.42 -15.31
CA GLN A 27 8.64 -6.38 -16.24
C GLN A 27 8.37 -7.02 -17.59
N CYS A 28 7.57 -8.07 -17.63
CA CYS A 28 7.41 -8.86 -18.87
C CYS A 28 5.98 -9.24 -19.23
N GLY A 29 5.02 -9.04 -18.32
CA GLY A 29 3.65 -9.37 -18.61
C GLY A 29 3.17 -10.77 -18.35
N GLN A 30 4.05 -11.65 -17.85
CA GLN A 30 3.60 -13.01 -17.47
C GLN A 30 2.39 -12.95 -16.55
N THR A 31 1.40 -13.79 -16.82
CA THR A 31 0.21 -13.84 -15.96
C THR A 31 0.59 -14.42 -14.61
N ILE A 32 0.24 -13.76 -13.52
CA ILE A 32 0.68 -14.21 -12.18
C ILE A 32 -0.49 -14.50 -11.25
N SER A 33 -1.44 -13.60 -11.08
CA SER A 33 -2.56 -13.87 -10.15
C SER A 33 -3.79 -13.07 -10.53
N ARG A 34 -4.77 -13.01 -9.63
CA ARG A 34 -6.06 -12.38 -9.90
C ARG A 34 -6.53 -11.69 -8.65
N ARG A 35 -7.24 -10.58 -8.83
CA ARG A 35 -7.84 -9.90 -7.71
C ARG A 35 -8.78 -10.81 -6.88
N ASP A 36 -9.49 -11.69 -7.58
CA ASP A 36 -10.40 -12.63 -6.95
C ASP A 36 -9.69 -13.53 -5.95
N TRP A 37 -8.37 -13.69 -6.10
CA TRP A 37 -7.57 -14.61 -5.27
C TRP A 37 -6.86 -13.92 -4.13
N LEU A 38 -7.13 -12.64 -3.91
CA LEU A 38 -6.61 -11.97 -2.71
C LEU A 38 -7.06 -12.68 -1.44
N LEU A 39 -6.14 -12.83 -0.51
CA LEU A 39 -6.32 -13.62 0.70
C LEU A 39 -6.08 -12.76 1.94
N PRO A 40 -7.14 -12.51 2.73
N PRO A 40 -7.12 -12.49 2.72
CA PRO A 40 -6.92 -11.67 3.90
CA PRO A 40 -6.84 -11.80 4.00
C PRO A 40 -6.32 -12.37 5.13
C PRO A 40 -6.11 -12.77 4.94
N MET A 41 -4.99 -12.49 5.16
N MET A 41 -4.86 -12.47 5.22
CA MET A 41 -4.22 -13.18 6.20
CA MET A 41 -4.13 -13.20 6.24
C MET A 41 -4.18 -12.29 7.43
C MET A 41 -4.14 -12.29 7.45
N GLY A 42 -4.59 -12.83 8.57
CA GLY A 42 -4.78 -12.03 9.78
C GLY A 42 -5.66 -10.79 9.60
N GLY A 43 -6.67 -10.87 8.75
CA GLY A 43 -7.61 -9.78 8.53
C GLY A 43 -7.26 -8.75 7.47
N ASP A 44 -6.15 -8.90 6.76
CA ASP A 44 -5.76 -7.91 5.74
C ASP A 44 -5.04 -8.63 4.65
N HIS A 45 -5.37 -8.38 3.39
CA HIS A 45 -4.56 -8.91 2.31
C HIS A 45 -3.20 -8.19 2.18
N GLU A 46 -3.11 -6.96 2.65
CA GLU A 46 -1.84 -6.21 2.63
C GLU A 46 -1.10 -6.27 3.96
N HIS A 47 0.19 -6.63 3.85
CA HIS A 47 1.12 -6.69 4.97
C HIS A 47 2.39 -5.93 4.63
N VAL A 48 2.71 -4.93 5.45
CA VAL A 48 3.88 -4.10 5.24
C VAL A 48 4.98 -4.63 6.13
N VAL A 49 6.10 -5.02 5.52
CA VAL A 49 7.14 -5.82 6.18
C VAL A 49 8.52 -5.37 5.77
N PHE A 50 9.55 -5.76 6.52
CA PHE A 50 10.91 -5.54 6.06
C PHE A 50 11.79 -6.76 6.25
N ASN A 51 12.75 -6.95 5.35
CA ASN A 51 13.68 -8.08 5.44
C ASN A 51 14.98 -7.71 6.21
N PRO A 52 15.89 -8.67 6.39
CA PRO A 52 17.12 -8.36 7.13
C PRO A 52 18.02 -7.32 6.46
N ALA A 53 17.88 -7.16 5.15
CA ALA A 53 18.59 -6.14 4.40
C ALA A 53 17.94 -4.77 4.50
N GLY A 54 16.85 -4.65 5.26
CA GLY A 54 16.18 -3.40 5.51
C GLY A 54 15.20 -2.98 4.44
N MET A 55 14.98 -3.83 3.43
CA MET A 55 14.07 -3.49 2.34
CA MET A 55 14.07 -3.49 2.34
C MET A 55 12.65 -3.63 2.86
N ILE A 56 11.83 -2.60 2.59
CA ILE A 56 10.40 -2.58 2.95
CA ILE A 56 10.42 -2.60 2.94
C ILE A 56 9.62 -3.10 1.75
N PHE A 57 8.64 -3.96 2.03
CA PHE A 57 7.77 -4.50 0.99
C PHE A 57 6.35 -4.33 1.44
N ARG A 58 5.53 -3.91 0.47
CA ARG A 58 4.09 -3.94 0.63
C ARG A 58 3.67 -5.26 -0.04
N VAL A 59 3.36 -6.23 0.78
CA VAL A 59 3.10 -7.60 0.32
C VAL A 59 1.59 -7.79 0.29
N TRP A 60 1.12 -8.29 -0.85
CA TRP A 60 -0.30 -8.67 -0.98
C TRP A 60 -0.34 -10.18 -0.95
N CYS A 61 -1.24 -10.72 -0.13
CA CYS A 61 -1.37 -12.15 0.00
C CYS A 61 -2.42 -12.66 -0.98
N PHE A 62 -2.09 -13.74 -1.67
CA PHE A 62 -2.97 -14.38 -2.66
C PHE A 62 -3.04 -15.86 -2.32
N SER A 63 -4.25 -16.44 -2.48
CA SER A 63 -4.41 -17.86 -2.24
CA SER A 63 -4.42 -17.86 -2.24
C SER A 63 -3.70 -18.71 -3.29
N LEU A 64 -3.63 -18.19 -4.50
CA LEU A 64 -3.14 -18.89 -5.66
C LEU A 64 -2.38 -17.90 -6.51
N ALA A 65 -1.45 -18.43 -7.27
CA ALA A 65 -0.69 -17.69 -8.27
C ALA A 65 -0.16 -18.71 -9.26
N GLN A 66 0.27 -18.21 -10.41
CA GLN A 66 0.77 -19.01 -11.51
C GLN A 66 1.92 -18.28 -12.15
N GLY A 67 2.64 -18.92 -13.04
CA GLY A 67 3.66 -18.24 -13.82
C GLY A 67 4.93 -17.92 -13.07
N LEU A 68 5.08 -18.44 -11.86
CA LEU A 68 6.24 -18.20 -11.04
C LEU A 68 7.16 -19.38 -11.14
N ARG A 69 8.38 -19.22 -10.63
CA ARG A 69 9.30 -20.31 -10.41
C ARG A 69 9.74 -20.19 -8.97
N LEU A 70 9.51 -21.24 -8.19
CA LEU A 70 9.87 -21.24 -6.77
C LEU A 70 11.24 -21.84 -6.66
N ILE A 71 12.15 -21.14 -5.98
CA ILE A 71 13.56 -21.49 -5.98
C ILE A 71 14.02 -21.98 -4.60
N GLY A 72 14.74 -23.10 -4.62
CA GLY A 72 15.29 -23.66 -3.38
C GLY A 72 14.29 -24.40 -2.53
N ALA A 73 14.73 -24.76 -1.33
CA ALA A 73 13.94 -25.44 -0.33
C ALA A 73 13.36 -24.38 0.64
N PRO A 74 12.24 -24.71 1.31
CA PRO A 74 11.61 -23.75 2.21
C PRO A 74 12.48 -23.42 3.42
N SER A 75 12.35 -22.21 3.93
CA SER A 75 13.01 -21.79 5.15
C SER A 75 12.05 -21.08 6.07
N GLY A 76 12.15 -21.31 7.37
CA GLY A 76 11.37 -20.57 8.36
C GLY A 76 12.02 -19.30 8.87
N GLU A 77 13.28 -19.07 8.52
CA GLU A 77 14.07 -17.93 9.00
C GLU A 77 13.39 -16.61 8.63
N PHE A 78 13.17 -15.78 9.63
CA PHE A 78 12.66 -14.41 9.47
C PHE A 78 11.27 -14.38 8.83
N SER A 79 10.51 -15.45 8.85
CA SER A 79 9.21 -15.46 8.23
C SER A 79 8.31 -14.41 8.84
N TRP A 80 7.67 -13.65 7.96
CA TRP A 80 6.72 -12.62 8.33
C TRP A 80 5.37 -13.21 8.73
N PHE A 81 5.15 -14.50 8.52
CA PHE A 81 3.85 -15.12 8.78
C PHE A 81 4.09 -16.33 9.66
N LYS A 82 3.57 -16.23 10.89
CA LYS A 82 3.85 -17.23 11.90
C LYS A 82 3.35 -18.60 11.44
N GLY A 83 4.22 -19.59 11.56
CA GLY A 83 3.92 -20.96 11.21
C GLY A 83 4.23 -21.33 9.77
N TYR A 84 4.68 -20.36 8.96
CA TYR A 84 4.95 -20.62 7.54
C TYR A 84 6.43 -20.51 7.22
N ASP A 85 6.86 -21.39 6.33
CA ASP A 85 8.17 -21.40 5.75
C ASP A 85 8.03 -20.83 4.36
N TRP A 86 9.08 -20.20 3.87
CA TRP A 86 9.02 -19.48 2.57
C TRP A 86 10.03 -19.99 1.57
N THR A 87 9.69 -19.78 0.29
CA THR A 87 10.59 -19.98 -0.83
CA THR A 87 10.57 -20.01 -0.83
C THR A 87 10.45 -18.75 -1.69
N ILE A 88 11.57 -18.33 -2.25
CA ILE A 88 11.57 -17.17 -3.15
C ILE A 88 10.79 -17.54 -4.40
N ALA A 89 9.93 -16.60 -4.84
CA ALA A 89 9.13 -16.76 -6.03
C ALA A 89 9.62 -15.75 -7.06
N LEU A 90 10.16 -16.26 -8.17
CA LEU A 90 10.55 -15.42 -9.29
C LEU A 90 9.49 -15.51 -10.37
N CYS A 91 9.37 -14.47 -11.16
CA CYS A 91 8.64 -14.58 -12.42
C CYS A 91 9.28 -15.71 -13.23
N GLY A 92 8.45 -16.66 -13.65
CA GLY A 92 8.93 -17.80 -14.38
C GLY A 92 9.40 -17.47 -15.76
N GLN A 93 8.95 -16.33 -16.28
CA GLN A 93 9.31 -15.89 -17.61
C GLN A 93 10.61 -15.09 -17.57
N CYS A 94 10.66 -14.03 -16.77
CA CYS A 94 11.81 -13.11 -16.81
C CYS A 94 12.77 -13.12 -15.61
N GLY A 95 12.40 -13.84 -14.55
CA GLY A 95 13.25 -13.94 -13.38
C GLY A 95 13.12 -12.83 -12.36
N SER A 96 12.26 -11.84 -12.59
CA SER A 96 12.00 -10.76 -11.63
C SER A 96 11.56 -11.37 -10.29
N HIS A 97 12.09 -10.85 -9.19
CA HIS A 97 11.67 -11.37 -7.89
C HIS A 97 10.32 -10.78 -7.52
N LEU A 98 9.26 -11.60 -7.58
CA LEU A 98 7.90 -11.11 -7.36
C LEU A 98 7.38 -11.30 -5.94
N GLY A 99 7.99 -12.20 -5.19
CA GLY A 99 7.62 -12.41 -3.81
C GLY A 99 8.06 -13.73 -3.28
N TRP A 100 7.17 -14.39 -2.53
CA TRP A 100 7.50 -15.64 -1.85
C TRP A 100 6.28 -16.54 -1.84
N HIS A 101 6.56 -17.84 -1.84
CA HIS A 101 5.52 -18.83 -1.58
C HIS A 101 5.69 -19.32 -0.15
N TYR A 102 4.58 -19.39 0.55
CA TYR A 102 4.57 -19.81 1.96
C TYR A 102 3.90 -21.17 2.04
N GLU A 103 4.47 -22.03 2.87
CA GLU A 103 3.95 -23.38 3.07
C GLU A 103 4.23 -23.84 4.48
N GLY A 104 3.67 -24.98 4.83
CA GLY A 104 3.95 -25.58 6.12
C GLY A 104 3.11 -25.08 7.27
N GLY A 105 2.14 -24.22 7.01
CA GLY A 105 1.34 -23.59 8.08
C GLY A 105 -0.04 -24.18 8.18
N SER A 106 -0.98 -23.37 8.69
CA SER A 106 -2.36 -23.85 8.89
C SER A 106 -3.39 -22.81 8.49
N GLN A 107 -4.42 -23.25 7.77
CA GLN A 107 -5.60 -22.43 7.46
C GLN A 107 -5.23 -21.04 6.87
N PRO A 108 -4.62 -20.99 5.69
CA PRO A 108 -4.32 -22.13 4.83
C PRO A 108 -2.95 -22.73 5.07
N GLN A 109 -2.74 -23.92 4.52
CA GLN A 109 -1.42 -24.53 4.56
C GLN A 109 -0.40 -23.73 3.76
N THR A 110 -0.85 -23.14 2.66
CA THR A 110 0.02 -22.45 1.71
C THR A 110 -0.65 -21.19 1.16
N PHE A 111 0.17 -20.23 0.77
CA PHE A 111 -0.31 -19.02 0.07
C PHE A 111 0.90 -18.32 -0.54
N PHE A 112 0.63 -17.28 -1.33
CA PHE A 112 1.71 -16.46 -1.90
C PHE A 112 1.66 -15.07 -1.32
N GLY A 113 2.85 -14.53 -1.00
CA GLY A 113 2.96 -13.10 -0.67
C GLY A 113 3.72 -12.43 -1.78
N LEU A 114 3.03 -11.57 -2.54
CA LEU A 114 3.63 -10.97 -3.72
C LEU A 114 3.81 -9.48 -3.48
N ILE A 115 4.85 -8.92 -4.08
CA ILE A 115 5.22 -7.54 -3.88
C ILE A 115 4.38 -6.68 -4.82
N LYS A 116 3.50 -5.88 -4.26
CA LYS A 116 2.44 -5.21 -5.02
CA LYS A 116 2.44 -5.21 -5.04
C LYS A 116 3.01 -4.37 -6.17
N ASP A 117 4.05 -3.60 -5.88
CA ASP A 117 4.64 -2.71 -6.88
C ASP A 117 5.44 -3.40 -7.97
N ARG A 118 5.61 -4.73 -7.90
CA ARG A 118 6.26 -5.50 -8.93
C ARG A 118 5.27 -6.19 -9.87
N LEU A 119 3.98 -5.93 -9.65
CA LEU A 119 2.89 -6.48 -10.47
C LEU A 119 2.20 -5.32 -11.20
N ALA A 120 1.61 -5.62 -12.35
CA ALA A 120 0.74 -4.68 -13.05
C ALA A 120 -0.66 -5.26 -13.11
N GLU A 121 -1.67 -4.47 -12.72
CA GLU A 121 -3.05 -4.93 -12.66
C GLU A 121 -3.83 -4.46 -13.90
N GLY A 122 -4.69 -5.31 -14.43
CA GLY A 122 -5.33 -5.00 -15.72
C GLY A 122 -6.46 -5.96 -16.03
N PRO A 123 -7.03 -5.79 -17.23
CA PRO A 123 -8.20 -6.59 -17.61
C PRO A 123 -7.89 -8.05 -17.84
N ALA A 124 -8.93 -8.88 -17.75
CA ALA A 124 -8.83 -10.33 -17.90
C ALA A 124 -8.35 -10.82 -19.27
N ASP A 125 -7.82 -12.05 -19.31
CA ASP A 125 -7.43 -12.70 -20.58
C ASP A 125 -8.54 -13.66 -21.02
N ALA B 20 3.66 23.06 -1.88
CA ALA B 20 5.11 22.91 -1.56
C ALA B 20 5.80 22.35 -2.81
N SER B 21 5.41 21.14 -3.20
CA SER B 21 5.83 20.63 -4.49
C SER B 21 4.73 20.45 -5.54
N ILE B 22 5.14 20.73 -6.79
CA ILE B 22 4.25 20.68 -7.94
CA ILE B 22 4.25 20.71 -7.94
C ILE B 22 4.74 19.64 -8.92
N PHE B 23 3.82 19.08 -9.71
CA PHE B 23 4.14 18.22 -10.82
C PHE B 23 3.89 18.97 -12.12
N ARG B 24 4.93 19.06 -12.94
CA ARG B 24 4.87 19.71 -14.21
C ARG B 24 4.97 18.69 -15.30
N CYS B 25 4.44 19.05 -16.48
CA CYS B 25 4.62 18.23 -17.66
C CYS B 25 6.11 18.12 -17.94
N ARG B 26 6.59 16.90 -18.09
CA ARG B 26 8.04 16.68 -18.29
C ARG B 26 8.53 17.25 -19.63
N GLN B 27 7.64 17.29 -20.62
CA GLN B 27 7.98 17.78 -21.96
C GLN B 27 8.02 19.27 -22.12
N CYS B 28 7.12 20.02 -21.46
CA CYS B 28 7.08 21.48 -21.66
C CYS B 28 7.04 22.33 -20.40
N GLY B 29 6.89 21.70 -19.24
CA GLY B 29 6.94 22.43 -17.98
C GLY B 29 5.66 23.00 -17.47
N GLN B 30 4.55 22.81 -18.18
CA GLN B 30 3.27 23.35 -17.72
C GLN B 30 2.97 22.74 -16.36
N THR B 31 2.52 23.53 -15.37
CA THR B 31 1.99 22.99 -14.15
C THR B 31 0.76 22.12 -14.42
N ILE B 32 0.80 20.91 -13.86
CA ILE B 32 -0.29 19.96 -14.04
C ILE B 32 -0.97 19.58 -12.73
N SER B 33 -0.22 19.17 -11.71
CA SER B 33 -0.86 18.89 -10.43
C SER B 33 0.06 19.15 -9.26
N ARG B 34 -0.31 18.72 -8.07
CA ARG B 34 0.39 19.13 -6.84
C ARG B 34 0.48 17.95 -5.91
N ARG B 35 1.57 17.86 -5.14
CA ARG B 35 1.67 16.80 -4.16
C ARG B 35 0.53 16.78 -3.15
N ASP B 36 0.04 17.98 -2.80
CA ASP B 36 -1.08 18.11 -1.87
C ASP B 36 -2.33 17.37 -2.37
N TRP B 37 -2.42 17.14 -3.67
CA TRP B 37 -3.60 16.54 -4.30
C TRP B 37 -3.46 15.07 -4.55
N LEU B 38 -2.36 14.43 -4.11
CA LEU B 38 -2.26 12.99 -4.21
C LEU B 38 -3.43 12.29 -3.51
N LEU B 39 -3.94 11.28 -4.17
CA LEU B 39 -5.20 10.65 -3.76
C LEU B 39 -4.97 9.16 -3.62
N PRO B 40 -5.06 8.62 -2.39
CA PRO B 40 -4.83 7.18 -2.25
C PRO B 40 -6.03 6.31 -2.59
N MET B 41 -6.21 6.00 -3.86
CA MET B 41 -7.35 5.22 -4.36
C MET B 41 -7.11 3.77 -4.07
N GLY B 42 -8.08 3.12 -3.42
CA GLY B 42 -7.89 1.77 -2.91
C GLY B 42 -6.68 1.60 -2.00
N GLY B 43 -6.32 2.63 -1.23
CA GLY B 43 -5.22 2.57 -0.30
C GLY B 43 -3.84 2.91 -0.81
N ASP B 44 -3.70 3.31 -2.06
CA ASP B 44 -2.36 3.61 -2.62
C ASP B 44 -2.53 4.70 -3.63
N HIS B 45 -1.72 5.74 -3.59
CA HIS B 45 -1.72 6.69 -4.71
C HIS B 45 -1.06 6.13 -5.98
N GLU B 46 -0.18 5.14 -5.86
CA GLU B 46 0.43 4.49 -7.03
C GLU B 46 -0.28 3.21 -7.43
N HIS B 47 -0.60 3.12 -8.73
CA HIS B 47 -1.20 1.93 -9.34
C HIS B 47 -0.42 1.58 -10.59
N VAL B 48 0.21 0.42 -10.61
CA VAL B 48 0.84 -0.12 -11.82
C VAL B 48 -0.21 -0.97 -12.53
N VAL B 49 -0.48 -0.64 -13.79
CA VAL B 49 -1.64 -1.13 -14.52
C VAL B 49 -1.24 -1.46 -15.95
N PHE B 50 -2.08 -2.19 -16.64
CA PHE B 50 -1.89 -2.45 -18.06
C PHE B 50 -3.20 -2.33 -18.78
N ASN B 51 -3.15 -1.84 -20.01
CA ASN B 51 -4.37 -1.68 -20.82
C ASN B 51 -4.61 -2.94 -21.69
N PRO B 52 -5.72 -2.97 -22.45
CA PRO B 52 -5.99 -4.14 -23.28
C PRO B 52 -4.93 -4.41 -24.37
N ALA B 53 -4.22 -3.36 -24.77
CA ALA B 53 -3.12 -3.49 -25.72
C ALA B 53 -1.84 -4.00 -25.08
N GLY B 54 -1.86 -4.23 -23.77
CA GLY B 54 -0.71 -4.74 -23.03
C GLY B 54 0.32 -3.69 -22.66
N MET B 55 0.00 -2.42 -22.85
CA MET B 55 0.93 -1.34 -22.41
C MET B 55 0.83 -1.22 -20.89
N ILE B 56 2.00 -1.17 -20.25
CA ILE B 56 2.10 -1.02 -18.79
C ILE B 56 2.35 0.42 -18.44
N PHE B 57 1.64 0.90 -17.43
CA PHE B 57 1.79 2.28 -16.95
C PHE B 57 1.90 2.31 -15.45
N ARG B 58 2.72 3.18 -14.90
CA ARG B 58 2.75 3.43 -13.47
C ARG B 58 2.02 4.75 -13.24
N VAL B 59 0.83 4.67 -12.69
CA VAL B 59 -0.09 5.78 -12.56
C VAL B 59 -0.12 6.28 -11.12
N TRP B 60 -0.07 7.59 -10.93
CA TRP B 60 -0.30 8.23 -9.64
C TRP B 60 -1.64 8.91 -9.66
N CYS B 61 -2.44 8.71 -8.62
CA CYS B 61 -3.76 9.29 -8.56
C CYS B 61 -3.72 10.65 -7.87
N PHE B 62 -4.39 11.63 -8.49
CA PHE B 62 -4.52 12.98 -7.97
C PHE B 62 -5.98 13.40 -7.96
N SER B 63 -6.41 14.14 -6.95
CA SER B 63 -7.81 14.57 -6.89
C SER B 63 -8.18 15.58 -7.96
N LEU B 64 -7.23 16.43 -8.29
CA LEU B 64 -7.42 17.53 -9.23
C LEU B 64 -6.17 17.65 -10.08
N ALA B 65 -6.33 18.33 -11.20
CA ALA B 65 -5.23 18.70 -12.06
C ALA B 65 -5.62 19.92 -12.86
N GLN B 66 -4.66 20.50 -13.54
CA GLN B 66 -4.89 21.66 -14.40
C GLN B 66 -4.00 21.56 -15.60
N GLY B 67 -4.33 22.36 -16.61
CA GLY B 67 -3.51 22.43 -17.80
C GLY B 67 -3.57 21.26 -18.75
N LEU B 68 -4.50 20.35 -18.53
CA LEU B 68 -4.68 19.20 -19.42
C LEU B 68 -5.80 19.48 -20.41
N ARG B 69 -5.89 18.63 -21.43
CA ARG B 69 -7.01 18.62 -22.34
C ARG B 69 -7.53 17.21 -22.40
N LEU B 70 -8.80 17.03 -22.03
CA LEU B 70 -9.42 15.72 -21.99
C LEU B 70 -10.09 15.49 -23.32
N ILE B 71 -9.80 14.34 -23.93
CA ILE B 71 -10.18 14.06 -25.31
C ILE B 71 -11.19 12.95 -25.42
N GLY B 72 -12.18 13.15 -26.28
CA GLY B 72 -13.21 12.13 -26.52
C GLY B 72 -14.28 12.10 -25.46
N ALA B 73 -15.16 11.11 -25.58
CA ALA B 73 -16.25 10.89 -24.62
C ALA B 73 -15.78 9.87 -23.58
N PRO B 74 -16.32 9.93 -22.35
CA PRO B 74 -15.88 8.97 -21.32
C PRO B 74 -16.25 7.54 -21.70
N SER B 75 -15.42 6.60 -21.26
CA SER B 75 -15.64 5.20 -21.54
C SER B 75 -15.46 4.42 -20.25
N GLY B 76 -16.35 3.44 -20.06
CA GLY B 76 -16.24 2.49 -18.97
C GLY B 76 -15.39 1.27 -19.27
N GLU B 77 -15.03 1.08 -20.53
CA GLU B 77 -14.32 -0.14 -21.00
C GLU B 77 -12.99 -0.29 -20.31
N PHE B 78 -12.79 -1.40 -19.59
CA PHE B 78 -11.50 -1.74 -18.98
C PHE B 78 -10.96 -0.70 -18.03
N SER B 79 -11.89 0.01 -17.39
CA SER B 79 -11.47 1.01 -16.42
C SER B 79 -10.66 0.36 -15.30
N TRP B 80 -9.54 0.97 -14.96
CA TRP B 80 -8.72 0.46 -13.86
C TRP B 80 -9.32 0.75 -12.49
N PHE B 81 -10.36 1.59 -12.43
CA PHE B 81 -10.98 1.98 -11.19
C PHE B 81 -12.46 1.71 -11.29
N LYS B 82 -12.90 0.68 -10.55
CA LYS B 82 -14.27 0.19 -10.68
C LYS B 82 -15.24 1.30 -10.31
N GLY B 83 -16.25 1.49 -11.15
CA GLY B 83 -17.27 2.50 -10.94
C GLY B 83 -16.99 3.82 -11.62
N TYR B 84 -15.83 3.94 -12.28
CA TYR B 84 -15.45 5.16 -12.98
C TYR B 84 -15.33 4.94 -14.47
N ASP B 85 -15.65 5.96 -15.23
CA ASP B 85 -15.41 6.04 -16.66
C ASP B 85 -14.16 6.92 -16.84
N TRP B 86 -13.44 6.69 -17.92
CA TRP B 86 -12.21 7.43 -18.19
C TRP B 86 -12.20 8.19 -19.52
N THR B 87 -11.37 9.25 -19.52
CA THR B 87 -11.07 9.99 -20.73
CA THR B 87 -11.08 10.00 -20.73
CA THR B 87 -11.08 10.02 -20.72
C THR B 87 -9.57 10.21 -20.77
N ILE B 88 -8.99 10.14 -21.96
CA ILE B 88 -7.57 10.40 -22.15
C ILE B 88 -7.26 11.86 -21.83
N ALA B 89 -6.19 12.10 -21.09
CA ALA B 89 -5.72 13.43 -20.71
C ALA B 89 -4.39 13.74 -21.37
N LEU B 90 -4.36 14.75 -22.21
CA LEU B 90 -3.13 15.29 -22.78
C LEU B 90 -2.72 16.56 -22.09
N CYS B 91 -1.43 16.85 -22.09
CA CYS B 91 -1.00 18.21 -21.75
C CYS B 91 -1.66 19.20 -22.72
N GLY B 92 -2.34 20.20 -22.20
CA GLY B 92 -3.02 21.16 -23.03
C GLY B 92 -2.06 22.07 -23.80
N GLN B 93 -0.84 22.19 -23.27
CA GLN B 93 0.16 23.08 -23.82
C GLN B 93 0.97 22.38 -24.92
N CYS B 94 1.45 21.19 -24.68
CA CYS B 94 2.29 20.48 -25.67
C CYS B 94 1.75 19.20 -26.28
N GLY B 95 0.64 18.68 -25.76
CA GLY B 95 0.02 17.46 -26.30
C GLY B 95 0.54 16.14 -25.76
N SER B 96 1.51 16.16 -24.84
CA SER B 96 2.03 14.92 -24.24
C SER B 96 0.91 14.13 -23.57
N HIS B 97 0.87 12.82 -23.75
CA HIS B 97 -0.17 12.01 -23.08
C HIS B 97 0.23 11.82 -21.63
N LEU B 98 -0.45 12.51 -20.71
CA LEU B 98 -0.08 12.50 -19.31
C LEU B 98 -0.90 11.55 -18.46
N GLY B 99 -2.04 11.10 -18.92
CA GLY B 99 -2.83 10.11 -18.19
C GLY B 99 -4.28 10.10 -18.58
N TRP B 100 -5.14 10.03 -17.58
CA TRP B 100 -6.58 9.89 -17.78
C TRP B 100 -7.32 10.59 -16.69
N HIS B 101 -8.53 11.06 -17.02
CA HIS B 101 -9.46 11.59 -16.04
C HIS B 101 -10.57 10.61 -15.82
N TYR B 102 -10.95 10.44 -14.56
CA TYR B 102 -11.98 9.48 -14.15
C TYR B 102 -13.17 10.25 -13.65
N GLU B 103 -14.37 9.77 -13.99
CA GLU B 103 -15.60 10.43 -13.58
C GLU B 103 -16.70 9.38 -13.42
N GLY B 104 -17.82 9.83 -12.89
CA GLY B 104 -19.01 8.99 -12.79
C GLY B 104 -19.06 8.09 -11.59
N GLY B 105 -18.11 8.25 -10.66
CA GLY B 105 -18.12 7.47 -9.41
C GLY B 105 -18.67 8.23 -8.24
N SER B 106 -18.29 7.80 -7.04
CA SER B 106 -18.64 8.47 -5.79
C SER B 106 -17.44 8.50 -4.85
N GLN B 107 -17.27 9.62 -4.15
CA GLN B 107 -16.27 9.79 -3.09
C GLN B 107 -14.85 9.32 -3.52
N PRO B 108 -14.22 9.99 -4.48
CA PRO B 108 -14.75 11.19 -5.14
C PRO B 108 -15.52 10.90 -6.41
N GLN B 109 -16.25 11.88 -6.90
CA GLN B 109 -16.95 11.71 -8.17
C GLN B 109 -15.96 11.64 -9.32
N THR B 110 -14.87 12.40 -9.19
CA THR B 110 -13.85 12.52 -10.25
C THR B 110 -12.46 12.57 -9.66
N PHE B 111 -11.47 12.15 -10.44
CA PHE B 111 -10.05 12.24 -10.08
C PHE B 111 -9.21 11.95 -11.35
N PHE B 112 -7.91 12.14 -11.25
CA PHE B 112 -6.99 11.86 -12.34
C PHE B 112 -6.07 10.71 -12.02
N GLY B 113 -5.72 9.94 -13.02
CA GLY B 113 -4.58 9.01 -12.92
C GLY B 113 -3.54 9.47 -13.90
N LEU B 114 -2.42 9.95 -13.39
CA LEU B 114 -1.39 10.54 -14.24
C LEU B 114 -0.16 9.65 -14.28
N ILE B 115 0.51 9.61 -15.40
CA ILE B 115 1.66 8.74 -15.63
C ILE B 115 2.87 9.37 -15.00
N LYS B 116 3.36 8.74 -13.92
CA LYS B 116 4.38 9.37 -13.08
C LYS B 116 5.61 9.75 -13.87
N ASP B 117 6.08 8.88 -14.75
CA ASP B 117 7.26 9.10 -15.58
CA ASP B 117 7.34 9.19 -15.47
C ASP B 117 7.19 10.24 -16.57
N ARG B 118 5.97 10.71 -16.84
CA ARG B 118 5.75 11.82 -17.77
C ARG B 118 5.58 13.15 -17.09
N LEU B 119 5.76 13.17 -15.77
CA LEU B 119 5.70 14.38 -14.96
C LEU B 119 7.09 14.65 -14.35
N ALA B 120 7.35 15.87 -14.00
CA ALA B 120 8.57 16.25 -13.28
C ALA B 120 8.14 16.94 -12.03
N GLU B 121 8.62 16.51 -10.87
CA GLU B 121 8.27 17.11 -9.58
C GLU B 121 9.29 18.17 -9.16
N GLY B 122 8.83 19.28 -8.61
CA GLY B 122 9.75 20.37 -8.28
C GLY B 122 9.08 21.41 -7.41
N PRO B 123 9.85 22.40 -6.97
CA PRO B 123 9.28 23.49 -6.17
C PRO B 123 8.31 24.38 -6.97
N ALA B 124 7.31 24.90 -6.27
CA ALA B 124 6.29 25.75 -6.88
C ALA B 124 6.88 27.12 -7.23
N PRO C 18 8.47 -14.89 13.84
CA PRO C 18 9.94 -14.96 13.92
C PRO C 18 10.70 -13.82 13.23
N GLY C 19 10.08 -13.15 12.27
CA GLY C 19 10.62 -11.91 11.70
C GLY C 19 9.67 -10.77 11.95
N ALA C 20 8.99 -10.76 13.10
CA ALA C 20 8.13 -9.64 13.51
C ALA C 20 8.66 -9.10 14.82
N SER C 21 9.85 -8.54 14.78
CA SER C 21 10.66 -8.24 15.95
C SER C 21 10.98 -6.76 16.17
N ILE C 22 11.26 -6.05 15.10
CA ILE C 22 11.39 -4.58 15.12
C ILE C 22 10.25 -3.97 14.30
N PHE C 23 9.73 -2.86 14.83
CA PHE C 23 8.65 -2.13 14.20
C PHE C 23 9.19 -0.80 13.74
N ARG C 24 8.92 -0.47 12.47
CA ARG C 24 9.51 0.72 11.79
C ARG C 24 8.40 1.53 11.08
N CYS C 25 8.62 2.81 10.87
CA CYS C 25 7.72 3.61 10.07
C CYS C 25 7.65 3.05 8.63
N ARG C 26 6.45 2.81 8.16
CA ARG C 26 6.20 2.30 6.81
C ARG C 26 6.68 3.22 5.71
N GLN C 27 6.62 4.53 5.95
CA GLN C 27 6.94 5.53 4.91
C GLN C 27 8.42 5.78 4.74
N CYS C 28 9.18 5.73 5.85
CA CYS C 28 10.61 6.07 5.76
C CYS C 28 11.56 5.10 6.46
N GLY C 29 11.03 4.15 7.22
CA GLY C 29 11.84 3.17 7.90
C GLY C 29 12.41 3.50 9.26
N GLN C 30 12.10 4.69 9.78
CA GLN C 30 12.51 5.05 11.14
C GLN C 30 12.18 3.95 12.14
N THR C 31 13.16 3.58 12.96
CA THR C 31 12.94 2.58 14.00
C THR C 31 12.05 3.15 15.06
N ILE C 32 10.99 2.43 15.42
CA ILE C 32 10.01 2.94 16.41
C ILE C 32 9.96 2.09 17.68
N SER C 33 9.76 0.77 17.53
CA SER C 33 9.67 -0.05 18.72
C SER C 33 10.05 -1.50 18.45
N ARG C 34 9.88 -2.32 19.49
CA ARG C 34 10.42 -3.69 19.52
C ARG C 34 9.37 -4.59 20.15
N ARG C 35 9.35 -5.83 19.70
CA ARG C 35 8.45 -6.85 20.24
C ARG C 35 8.72 -7.07 21.72
N ASP C 36 9.96 -6.93 22.19
CA ASP C 36 10.24 -7.03 23.65
C ASP C 36 9.39 -6.06 24.49
N TRP C 37 8.99 -4.95 23.88
CA TRP C 37 8.23 -3.89 24.57
C TRP C 37 6.73 -3.95 24.30
N LEU C 38 6.30 -4.93 23.53
CA LEU C 38 4.94 -4.99 23.02
C LEU C 38 4.21 -5.45 24.25
N LEU C 39 2.93 -5.07 24.36
CA LEU C 39 2.09 -5.44 25.47
C LEU C 39 0.89 -6.29 25.01
N PRO C 40 0.87 -7.58 25.39
CA PRO C 40 -0.22 -8.42 24.95
C PRO C 40 -1.45 -8.25 25.85
N MET C 41 -2.65 -8.22 25.29
CA MET C 41 -3.85 -8.51 26.07
C MET C 41 -4.25 -9.91 25.72
N GLY C 42 -4.27 -10.79 26.74
CA GLY C 42 -4.59 -12.21 26.55
C GLY C 42 -3.73 -12.87 25.46
N GLY C 43 -4.42 -13.38 24.44
CA GLY C 43 -3.76 -14.05 23.31
C GLY C 43 -3.41 -13.16 22.12
N ASP C 44 -3.79 -11.87 22.20
CA ASP C 44 -3.67 -10.96 21.07
C ASP C 44 -2.61 -9.91 21.33
N HIS C 45 -1.61 -9.84 20.45
CA HIS C 45 -0.67 -8.73 20.49
C HIS C 45 -1.31 -7.45 19.93
N GLU C 46 -2.29 -7.58 19.04
CA GLU C 46 -2.82 -6.45 18.25
C GLU C 46 -4.24 -6.33 18.66
N HIS C 47 -4.79 -5.12 18.69
CA HIS C 47 -6.15 -4.87 19.17
C HIS C 47 -6.91 -4.07 18.12
N VAL C 48 -8.08 -4.60 17.76
CA VAL C 48 -8.88 -4.10 16.67
C VAL C 48 -9.84 -3.03 17.21
N VAL C 49 -9.78 -1.87 16.60
CA VAL C 49 -10.53 -0.69 17.03
C VAL C 49 -11.09 0.03 15.82
N PHE C 50 -12.04 0.95 16.05
CA PHE C 50 -12.43 1.85 14.99
C PHE C 50 -12.48 3.29 15.46
N ASN C 51 -12.10 4.20 14.58
CA ASN C 51 -12.26 5.63 14.91
C ASN C 51 -13.74 6.02 14.87
N PRO C 52 -14.07 7.29 15.19
CA PRO C 52 -15.48 7.67 15.16
C PRO C 52 -16.15 7.56 13.79
N ALA C 53 -15.36 7.61 12.71
CA ALA C 53 -15.85 7.42 11.37
C ALA C 53 -16.05 5.95 11.00
N GLY C 54 -15.73 5.04 11.93
CA GLY C 54 -15.89 3.61 11.72
C GLY C 54 -14.76 2.94 10.95
N MET C 55 -13.68 3.68 10.67
CA MET C 55 -12.52 3.09 9.99
C MET C 55 -11.76 2.20 10.97
N ILE C 56 -11.43 0.99 10.55
CA ILE C 56 -10.85 -0.04 11.40
C ILE C 56 -9.33 0.01 11.38
N PHE C 57 -8.73 -0.15 12.57
CA PHE C 57 -7.29 -0.24 12.71
C PHE C 57 -6.95 -1.42 13.60
N ARG C 58 -5.81 -2.02 13.32
CA ARG C 58 -5.10 -2.86 14.25
C ARG C 58 -4.06 -1.99 14.99
N VAL C 59 -4.27 -1.81 16.29
CA VAL C 59 -3.34 -1.10 17.15
C VAL C 59 -2.42 -2.05 17.88
N TRP C 60 -1.11 -1.76 17.85
CA TRP C 60 -0.15 -2.48 18.70
C TRP C 60 0.26 -1.59 19.85
N CYS C 61 0.15 -2.10 21.08
CA CYS C 61 0.54 -1.34 22.26
C CYS C 61 1.95 -1.70 22.68
N PHE C 62 2.76 -0.67 22.93
CA PHE C 62 4.16 -0.84 23.37
C PHE C 62 4.44 -0.02 24.61
N SER C 63 5.20 -0.56 25.54
CA SER C 63 5.55 0.18 26.75
C SER C 63 6.49 1.35 26.48
N LEU C 64 7.36 1.16 25.49
CA LEU C 64 8.39 2.12 25.15
C LEU C 64 8.46 2.28 23.66
N ALA C 65 8.88 3.46 23.21
CA ALA C 65 9.13 3.67 21.77
C ALA C 65 10.21 4.70 21.61
N GLN C 66 10.71 4.82 20.39
CA GLN C 66 11.69 5.84 20.06
C GLN C 66 11.37 6.41 18.71
N GLY C 67 12.03 7.52 18.39
CA GLY C 67 11.94 8.04 17.04
C GLY C 67 10.64 8.75 16.69
N LEU C 68 9.79 9.00 17.69
CA LEU C 68 8.53 9.70 17.47
C LEU C 68 8.69 11.15 17.87
N ARG C 69 7.69 11.94 17.52
CA ARG C 69 7.50 13.27 18.08
C ARG C 69 6.08 13.35 18.59
N LEU C 70 5.92 13.61 19.88
CA LEU C 70 4.58 13.69 20.49
C LEU C 70 4.15 15.14 20.44
N ILE C 71 2.96 15.40 19.91
CA ILE C 71 2.52 16.78 19.66
C ILE C 71 1.29 17.15 20.48
N GLY C 72 1.24 18.37 21.02
CA GLY C 72 0.00 18.92 21.57
C GLY C 72 -0.34 18.44 22.96
N ALA C 73 -1.53 18.81 23.43
CA ALA C 73 -1.96 18.51 24.80
C ALA C 73 -2.82 17.26 24.79
N PRO C 74 -2.85 16.51 25.91
CA PRO C 74 -3.58 15.23 25.91
C PRO C 74 -5.08 15.42 25.78
N SER C 75 -5.75 14.44 25.18
CA SER C 75 -7.19 14.45 25.03
C SER C 75 -7.75 13.08 25.41
N GLY C 76 -8.90 13.11 26.08
CA GLY C 76 -9.65 11.91 26.40
C GLY C 76 -10.66 11.50 25.33
N GLU C 77 -10.89 12.36 24.33
CA GLU C 77 -11.91 12.15 23.31
C GLU C 77 -11.72 10.84 22.56
N PHE C 78 -12.76 10.01 22.56
CA PHE C 78 -12.80 8.76 21.80
C PHE C 78 -11.69 7.78 22.17
N SER C 79 -11.12 7.88 23.35
CA SER C 79 -9.98 7.03 23.68
C SER C 79 -10.40 5.57 23.64
N TRP C 80 -9.59 4.76 22.95
CA TRP C 80 -9.84 3.34 22.89
C TRP C 80 -9.46 2.62 24.18
N PHE C 81 -8.80 3.30 25.11
CA PHE C 81 -8.31 2.67 26.33
C PHE C 81 -8.85 3.48 27.51
N LYS C 82 -9.78 2.89 28.23
CA LYS C 82 -10.53 3.65 29.23
C LYS C 82 -9.59 4.10 30.33
N GLY C 83 -9.69 5.38 30.68
CA GLY C 83 -8.85 5.99 31.71
C GLY C 83 -7.54 6.58 31.19
N TYR C 84 -7.32 6.51 29.88
CA TYR C 84 -6.15 7.11 29.26
C TYR C 84 -6.52 8.25 28.34
N ASP C 85 -5.68 9.29 28.40
CA ASP C 85 -5.74 10.40 27.47
C ASP C 85 -4.63 10.15 26.46
N TRP C 86 -4.81 10.67 25.25
CA TRP C 86 -3.83 10.48 24.18
C TRP C 86 -3.26 11.77 23.61
N THR C 87 -2.06 11.65 23.04
CA THR C 87 -1.39 12.70 22.30
C THR C 87 -0.90 12.07 21.00
N ILE C 88 -0.99 12.82 19.93
CA ILE C 88 -0.60 12.33 18.61
C ILE C 88 0.90 12.05 18.59
N ALA C 89 1.25 10.90 18.01
CA ALA C 89 2.64 10.49 17.84
C ALA C 89 2.94 10.47 16.33
N LEU C 90 3.85 11.34 15.91
CA LEU C 90 4.33 11.36 14.54
C LEU C 90 5.68 10.70 14.46
N CYS C 91 5.98 10.16 13.29
CA CYS C 91 7.34 9.76 13.00
C CYS C 91 8.23 10.99 13.08
N GLY C 92 9.30 10.90 13.85
CA GLY C 92 10.22 12.01 13.96
C GLY C 92 11.02 12.26 12.70
N GLN C 93 11.12 11.27 11.84
CA GLN C 93 11.94 11.36 10.64
C GLN C 93 11.14 11.95 9.49
N CYS C 94 9.95 11.43 9.23
CA CYS C 94 9.16 11.89 8.06
C CYS C 94 7.85 12.59 8.38
N GLY C 95 7.42 12.57 9.63
CA GLY C 95 6.17 13.26 10.01
C GLY C 95 4.89 12.42 9.87
N SER C 96 4.99 11.19 9.40
CA SER C 96 3.83 10.29 9.27
C SER C 96 3.15 10.10 10.61
N HIS C 97 1.82 10.14 10.62
CA HIS C 97 1.09 9.90 11.86
C HIS C 97 1.06 8.39 12.14
N LEU C 98 1.81 7.96 13.15
CA LEU C 98 1.94 6.52 13.43
C LEU C 98 1.03 6.00 14.53
N GLY C 99 0.57 6.90 15.38
CA GLY C 99 -0.32 6.50 16.45
C GLY C 99 -0.41 7.55 17.52
N TRP C 100 -0.43 7.09 18.78
CA TRP C 100 -0.66 7.96 19.93
C TRP C 100 0.16 7.51 21.10
N HIS C 101 0.46 8.45 21.98
CA HIS C 101 1.00 8.15 23.29
C HIS C 101 -0.14 8.33 24.28
N TYR C 102 -0.27 7.37 25.18
CA TYR C 102 -1.36 7.32 26.16
C TYR C 102 -0.76 7.57 27.53
N GLU C 103 -1.50 8.34 28.34
CA GLU C 103 -1.04 8.72 29.66
C GLU C 103 -2.25 8.91 30.56
N GLY C 104 -1.95 9.09 31.84
CA GLY C 104 -2.97 9.43 32.81
C GLY C 104 -3.71 8.25 33.38
N GLY C 105 -3.30 7.02 33.04
CA GLY C 105 -3.94 5.82 33.59
C GLY C 105 -3.14 5.22 34.74
N SER C 106 -3.35 3.93 34.97
CA SER C 106 -2.64 3.14 35.97
C SER C 106 -2.30 1.76 35.41
N GLN C 107 -1.10 1.28 35.74
CA GLN C 107 -0.66 -0.09 35.42
C GLN C 107 -0.90 -0.49 33.95
N PRO C 108 -0.24 0.16 33.00
CA PRO C 108 0.78 1.19 33.22
C PRO C 108 0.21 2.60 33.23
N GLN C 109 1.00 3.55 33.71
CA GLN C 109 0.58 4.94 33.64
C GLN C 109 0.54 5.43 32.20
N THR C 110 1.49 4.93 31.39
CA THR C 110 1.69 5.38 30.02
C THR C 110 2.05 4.22 29.11
N PHE C 111 1.73 4.37 27.82
CA PHE C 111 2.14 3.44 26.78
C PHE C 111 1.93 4.09 25.42
N PHE C 112 2.39 3.44 24.38
CA PHE C 112 2.19 3.92 23.00
C PHE C 112 1.28 2.96 22.25
N GLY C 113 0.31 3.48 21.51
CA GLY C 113 -0.60 2.68 20.73
C GLY C 113 -0.39 3.07 19.28
N LEU C 114 0.19 2.14 18.51
CA LEU C 114 0.64 2.48 17.16
C LEU C 114 -0.17 1.70 16.15
N ILE C 115 -0.41 2.33 15.01
CA ILE C 115 -1.30 1.77 14.01
C ILE C 115 -0.55 0.75 13.17
N LYS C 116 -0.95 -0.51 13.26
CA LYS C 116 -0.39 -1.59 12.43
C LYS C 116 -0.16 -1.23 10.96
N ASP C 117 -1.15 -0.65 10.27
CA ASP C 117 -0.95 -0.39 8.83
C ASP C 117 -0.03 0.80 8.51
N ARG C 118 0.44 1.50 9.53
CA ARG C 118 1.41 2.58 9.35
C ARG C 118 2.83 2.13 9.67
N LEU C 119 3.00 0.86 10.05
CA LEU C 119 4.27 0.29 10.44
C LEU C 119 4.72 -0.80 9.47
N ALA C 120 6.01 -1.04 9.43
CA ALA C 120 6.59 -2.23 8.82
C ALA C 120 7.23 -3.05 9.93
N GLU C 121 6.90 -4.34 9.96
CA GLU C 121 7.50 -5.25 10.96
C GLU C 121 8.59 -6.05 10.27
N GLY C 122 9.69 -6.32 10.97
CA GLY C 122 10.73 -7.19 10.43
C GLY C 122 11.68 -7.70 11.48
N PRO C 123 12.70 -8.44 11.07
CA PRO C 123 13.58 -9.11 12.02
C PRO C 123 14.44 -8.17 12.86
N ALA C 124 14.84 -8.67 14.04
CA ALA C 124 15.78 -7.98 14.93
C ALA C 124 17.05 -7.56 14.21
N UNK D 1 -19.10 -2.57 -28.19
CA UNK D 1 -18.41 -2.71 -26.88
C UNK D 1 -17.65 -4.04 -26.78
N UNK D 2 -16.45 -3.99 -26.23
CA UNK D 2 -15.62 -5.18 -26.00
C UNK D 2 -15.76 -5.65 -24.55
N UNK D 3 -15.99 -6.95 -24.38
CA UNK D 3 -16.18 -7.57 -23.06
C UNK D 3 -14.97 -8.42 -22.68
#